data_5JOQ
#
_entry.id   5JOQ
#
_cell.length_a   118.380
_cell.length_b   118.380
_cell.length_c   106.000
_cell.angle_alpha   90.00
_cell.angle_beta   90.00
_cell.angle_gamma   120.00
#
_symmetry.space_group_name_H-M   'P 63 2 2'
#
loop_
_entity.id
_entity.type
_entity.pdbx_description
1 polymer 'Lmo2184 protein'
2 non-polymer 'CITRIC ACID'
3 non-polymer 'CHLORIDE ION'
4 water water
#
_entity_poly.entity_id   1
_entity_poly.type   'polypeptide(L)'
_entity_poly.pdbx_seq_one_letter_code
;MRKMAVISLVLLLFLVGCGKEEAAQKPEQKTDKEPKIVATTVAITEIMDKLDLPLVGIPSSSKKLPKRYADVKETGSPMG
PDLEIIRMLKPDMVLSTKTLEADLKSGFEGADLEADFLDFTSIASMQTEIKNLGAKFDRIEEATKLNKDLTSDIDQVKSN
VAKKKKPTVLILMGVPGSYLVVTEHAYIGDLVKLAGGENVIKDQKVEYLASNTEYLQSANPDIILRAAHGMPAEVVKMFD
EEFKTNDIWKHFDAVKNNRVYDLDENLFGMTASLNAPEALKEMEKMLYDN
;
_entity_poly.pdbx_strand_id   A
#
# COMPACT_ATOMS: atom_id res chain seq x y z
N LYS A 33 7.76 -12.66 30.72
CA LYS A 33 8.65 -12.07 29.72
C LYS A 33 7.89 -11.56 28.49
N GLU A 34 8.17 -10.31 28.11
CA GLU A 34 7.57 -9.76 26.92
C GLU A 34 8.01 -10.56 25.71
N PRO A 35 7.15 -10.69 24.70
CA PRO A 35 7.56 -11.38 23.48
C PRO A 35 8.62 -10.57 22.76
N LYS A 36 9.54 -11.27 22.11
CA LYS A 36 10.59 -10.64 21.31
C LYS A 36 10.13 -10.62 19.86
N ILE A 37 9.86 -9.42 19.34
CA ILE A 37 9.23 -9.25 18.03
C ILE A 37 10.17 -8.50 17.11
N VAL A 38 10.31 -8.99 15.86
CA VAL A 38 11.02 -8.24 14.81
C VAL A 38 10.00 -7.74 13.80
N ALA A 39 9.97 -6.42 13.58
CA ALA A 39 9.14 -5.84 12.51
C ALA A 39 10.02 -5.59 11.29
N THR A 40 9.64 -6.12 10.12
CA THR A 40 10.51 -5.98 8.95
C THR A 40 10.05 -4.89 7.98
N THR A 41 9.00 -4.12 8.27
CA THR A 41 8.65 -3.00 7.41
C THR A 41 8.29 -1.77 8.24
N VAL A 42 8.39 -0.61 7.57
CA VAL A 42 8.03 0.65 8.23
C VAL A 42 6.57 0.62 8.69
N ALA A 43 5.67 0.21 7.79
CA ALA A 43 4.24 0.18 8.13
C ALA A 43 3.97 -0.67 9.38
N ILE A 44 4.60 -1.85 9.48
CA ILE A 44 4.34 -2.69 10.66
C ILE A 44 4.92 -2.04 11.90
N THR A 45 6.10 -1.41 11.77
CA THR A 45 6.72 -0.76 12.93
C THR A 45 5.81 0.33 13.49
N GLU A 46 5.16 1.09 12.61
CA GLU A 46 4.21 2.11 13.05
C GLU A 46 3.01 1.50 13.78
N ILE A 47 2.53 0.36 13.30
CA ILE A 47 1.43 -0.32 14.00
C ILE A 47 1.90 -0.77 15.38
N MET A 48 3.10 -1.34 15.47
CA MET A 48 3.61 -1.79 16.78
C MET A 48 3.69 -0.62 17.77
N ASP A 49 4.06 0.56 17.28
CA ASP A 49 4.08 1.74 18.15
C ASP A 49 2.69 2.08 18.68
N LYS A 50 1.68 2.06 17.80
CA LYS A 50 0.32 2.36 18.25
C LYS A 50 -0.20 1.29 19.20
N LEU A 51 0.30 0.06 19.07
CA LEU A 51 -0.08 -1.01 19.99
C LEU A 51 0.75 -1.02 21.26
N ASP A 52 1.71 -0.11 21.40
CA ASP A 52 2.52 0.00 22.62
C ASP A 52 3.28 -1.30 22.88
N LEU A 53 3.91 -1.84 21.83
CA LEU A 53 4.68 -3.07 21.92
C LEU A 53 6.17 -2.78 21.74
N PRO A 54 7.04 -3.36 22.57
CA PRO A 54 8.47 -3.25 22.32
C PRO A 54 8.89 -4.14 21.17
N LEU A 55 9.99 -3.77 20.54
CA LEU A 55 10.58 -4.53 19.42
C LEU A 55 12.03 -4.87 19.73
N VAL A 56 12.48 -6.04 19.27
CA VAL A 56 13.91 -6.34 19.23
C VAL A 56 14.52 -6.11 17.85
N GLY A 57 13.70 -5.99 16.82
CA GLY A 57 14.22 -5.71 15.52
C GLY A 57 13.34 -4.78 14.71
N ILE A 58 13.98 -3.92 13.92
CA ILE A 58 13.31 -3.00 13.04
C ILE A 58 13.96 -3.08 11.66
N PRO A 59 13.21 -2.59 10.60
CA PRO A 59 13.88 -2.66 9.30
C PRO A 59 14.93 -1.58 9.13
N SER A 60 15.84 -1.76 8.18
CA SER A 60 16.83 -0.76 7.88
C SER A 60 16.15 0.08 6.83
N SER A 61 15.96 1.35 7.12
CA SER A 61 15.29 2.22 6.18
C SER A 61 15.70 3.67 6.31
N SER A 62 15.59 4.41 5.22
CA SER A 62 15.86 5.84 5.33
C SER A 62 14.65 6.61 5.84
N LYS A 63 13.48 5.98 5.96
CA LYS A 63 12.30 6.66 6.44
C LYS A 63 12.34 6.79 7.96
N LYS A 64 11.76 7.88 8.46
CA LYS A 64 11.65 8.11 9.89
C LYS A 64 10.78 7.03 10.54
N LEU A 65 11.25 6.47 11.65
CA LEU A 65 10.53 5.48 12.42
C LEU A 65 10.08 6.07 13.75
N PRO A 66 9.08 5.48 14.41
CA PRO A 66 8.70 5.99 15.73
C PRO A 66 9.90 6.08 16.66
N LYS A 67 9.94 7.17 17.44
CA LYS A 67 11.10 7.47 18.28
C LYS A 67 11.37 6.40 19.33
N ARG A 68 10.34 5.69 19.79
CA ARG A 68 10.61 4.71 20.83
C ARG A 68 11.57 3.61 20.37
N TYR A 69 11.73 3.40 19.07
CA TYR A 69 12.60 2.34 18.58
C TYR A 69 13.96 2.86 18.12
N ALA A 70 14.33 4.07 18.56
CA ALA A 70 15.58 4.70 18.12
C ALA A 70 16.78 3.78 18.28
N ASP A 71 16.81 2.95 19.31
CA ASP A 71 17.98 2.16 19.62
C ASP A 71 17.79 0.69 19.31
N VAL A 72 16.74 0.33 18.56
CA VAL A 72 16.45 -1.06 18.25
C VAL A 72 17.33 -1.51 17.09
N LYS A 73 17.77 -2.78 17.13
CA LYS A 73 18.66 -3.27 16.07
C LYS A 73 17.95 -3.27 14.72
N GLU A 74 18.63 -2.79 13.68
CA GLU A 74 18.10 -2.85 12.33
C GLU A 74 18.41 -4.20 11.69
N THR A 75 17.46 -4.71 10.91
CA THR A 75 17.51 -6.08 10.41
C THR A 75 17.53 -6.15 8.88
N GLY A 76 17.88 -5.07 8.20
CA GLY A 76 18.06 -5.14 6.76
C GLY A 76 16.82 -4.73 5.98
N SER A 77 16.90 -4.92 4.66
CA SER A 77 15.86 -4.42 3.77
C SER A 77 14.54 -5.13 4.02
N PRO A 78 13.42 -4.39 4.08
CA PRO A 78 12.10 -5.04 4.13
C PRO A 78 11.89 -6.05 3.02
N MET A 79 12.49 -5.83 1.85
CA MET A 79 12.25 -6.68 0.70
C MET A 79 13.16 -7.91 0.71
N GLY A 80 14.02 -8.02 1.73
CA GLY A 80 14.92 -9.13 1.89
C GLY A 80 15.69 -9.00 3.19
N PRO A 81 15.04 -9.26 4.33
CA PRO A 81 15.68 -8.99 5.61
C PRO A 81 16.91 -9.86 5.79
N ASP A 82 17.81 -9.42 6.68
CA ASP A 82 19.07 -10.12 6.96
C ASP A 82 18.82 -11.24 7.98
N LEU A 83 18.76 -12.48 7.50
CA LEU A 83 18.39 -13.59 8.37
C LEU A 83 19.42 -13.85 9.46
N GLU A 84 20.69 -13.56 9.20
CA GLU A 84 21.70 -13.82 10.21
C GLU A 84 21.55 -12.86 11.40
N ILE A 85 21.30 -11.58 11.13
CA ILE A 85 20.99 -10.66 12.23
C ILE A 85 19.76 -11.12 12.99
N ILE A 86 18.67 -11.43 12.25
CA ILE A 86 17.42 -11.77 12.93
C ILE A 86 17.60 -13.02 13.79
N ARG A 87 18.33 -14.03 13.29
CA ARG A 87 18.56 -15.23 14.09
C ARG A 87 19.21 -14.89 15.42
N MET A 88 20.20 -14.02 15.37
CA MET A 88 20.95 -13.63 16.55
C MET A 88 20.03 -13.03 17.61
N LEU A 89 18.97 -12.37 17.17
CA LEU A 89 18.05 -11.71 18.08
C LEU A 89 17.12 -12.68 18.78
N LYS A 90 17.13 -13.96 18.38
CA LYS A 90 16.30 -15.02 18.94
C LYS A 90 14.85 -14.54 19.13
N PRO A 91 14.20 -14.06 18.07
CA PRO A 91 12.84 -13.55 18.23
C PRO A 91 11.83 -14.66 18.43
N ASP A 92 10.71 -14.31 19.06
CA ASP A 92 9.54 -15.18 19.13
C ASP A 92 8.68 -15.06 17.87
N MET A 93 8.71 -13.91 17.20
CA MET A 93 7.90 -13.70 16.02
C MET A 93 8.58 -12.68 15.10
N VAL A 94 8.59 -12.96 13.80
CA VAL A 94 9.04 -12.02 12.78
C VAL A 94 7.81 -11.65 11.95
N LEU A 95 7.56 -10.35 11.75
CA LEU A 95 6.36 -9.87 11.06
C LEU A 95 6.74 -9.32 9.67
N SER A 96 6.07 -9.83 8.64
CA SER A 96 6.28 -9.37 7.26
C SER A 96 4.88 -9.24 6.67
N THR A 97 4.80 -9.17 5.33
CA THR A 97 3.49 -9.00 4.67
C THR A 97 3.22 -10.15 3.71
N LYS A 98 1.92 -10.34 3.44
CA LYS A 98 1.48 -11.35 2.47
C LYS A 98 2.13 -11.12 1.11
N THR A 99 2.25 -9.86 0.69
CA THR A 99 2.78 -9.60 -0.66
C THR A 99 4.23 -10.05 -0.78
N LEU A 100 4.97 -10.09 0.33
CA LEU A 100 6.34 -10.60 0.35
C LEU A 100 6.45 -12.07 0.72
N GLU A 101 5.35 -12.77 0.98
CA GLU A 101 5.43 -14.14 1.50
C GLU A 101 6.16 -15.08 0.53
N ALA A 102 5.83 -15.00 -0.74
CA ALA A 102 6.43 -15.89 -1.70
C ALA A 102 7.93 -15.70 -1.75
N ASP A 103 8.37 -14.47 -1.68
CA ASP A 103 9.78 -14.18 -1.66
C ASP A 103 10.55 -14.61 -0.40
N LEU A 104 9.96 -14.36 0.77
CA LEU A 104 10.64 -14.61 2.03
C LEU A 104 10.33 -15.81 2.89
N LYS A 105 9.25 -16.50 2.63
CA LYS A 105 8.87 -17.58 3.49
C LYS A 105 9.91 -18.68 3.64
N SER A 106 10.51 -19.12 2.54
CA SER A 106 11.49 -20.21 2.62
C SER A 106 12.69 -19.83 3.48
N GLY A 107 13.21 -18.61 3.31
CA GLY A 107 14.36 -18.20 4.09
C GLY A 107 14.08 -18.23 5.59
N PHE A 108 12.96 -17.66 6.02
CA PHE A 108 12.57 -17.74 7.43
C PHE A 108 12.49 -19.19 7.91
N GLU A 109 11.77 -20.03 7.18
CA GLU A 109 11.65 -21.44 7.57
C GLU A 109 13.01 -22.10 7.67
N GLY A 110 13.87 -21.86 6.67
CA GLY A 110 15.20 -22.41 6.70
C GLY A 110 15.99 -21.97 7.93
N ALA A 111 15.78 -20.73 8.38
CA ALA A 111 16.48 -20.20 9.54
C ALA A 111 15.78 -20.54 10.85
N ASP A 112 14.70 -21.32 10.80
CA ASP A 112 13.95 -21.69 12.01
C ASP A 112 13.37 -20.48 12.72
N LEU A 113 12.94 -19.48 11.94
CA LEU A 113 12.31 -18.28 12.48
C LEU A 113 10.81 -18.35 12.28
N GLU A 114 10.05 -18.23 13.37
CA GLU A 114 8.60 -18.14 13.29
C GLU A 114 8.19 -16.81 12.68
N ALA A 115 7.30 -16.84 11.68
CA ALA A 115 7.00 -15.62 10.94
C ALA A 115 5.52 -15.56 10.59
N ASP A 116 4.99 -14.35 10.59
CA ASP A 116 3.60 -14.06 10.28
C ASP A 116 3.58 -13.08 9.11
N PHE A 117 2.89 -13.44 8.02
CA PHE A 117 2.80 -12.59 6.84
C PHE A 117 1.42 -11.93 6.84
N LEU A 118 1.39 -10.65 7.22
CA LEU A 118 0.16 -9.89 7.43
C LEU A 118 -0.40 -9.42 6.09
N ASP A 119 -1.72 -9.55 5.90
CA ASP A 119 -2.34 -9.19 4.62
C ASP A 119 -2.66 -7.69 4.62
N PHE A 120 -1.85 -6.91 3.90
CA PHE A 120 -2.06 -5.46 3.77
C PHE A 120 -2.56 -5.07 2.35
N THR A 121 -3.29 -5.97 1.69
CA THR A 121 -3.76 -5.65 0.34
C THR A 121 -5.05 -4.82 0.33
N SER A 122 -5.70 -4.61 1.47
CA SER A 122 -6.81 -3.65 1.58
C SER A 122 -6.76 -3.03 2.97
N ILE A 123 -7.48 -1.93 3.15
CA ILE A 123 -7.58 -1.37 4.50
C ILE A 123 -8.28 -2.36 5.43
N ALA A 124 -9.38 -2.97 4.97
CA ALA A 124 -10.11 -3.91 5.82
C ALA A 124 -9.22 -5.08 6.24
N SER A 125 -8.41 -5.62 5.32
CA SER A 125 -7.53 -6.70 5.71
C SER A 125 -6.51 -6.23 6.72
N MET A 126 -5.94 -5.02 6.50
CA MET A 126 -5.02 -4.47 7.50
C MET A 126 -5.69 -4.36 8.88
N GLN A 127 -6.94 -3.88 8.91
CA GLN A 127 -7.63 -3.76 10.20
C GLN A 127 -7.85 -5.11 10.87
N THR A 128 -8.18 -6.15 10.11
CA THR A 128 -8.26 -7.49 10.73
C THR A 128 -6.90 -7.92 11.29
N GLU A 129 -5.81 -7.61 10.57
CA GLU A 129 -4.48 -7.95 11.08
C GLU A 129 -4.18 -7.19 12.35
N ILE A 130 -4.61 -5.93 12.43
CA ILE A 130 -4.43 -5.14 13.65
C ILE A 130 -5.18 -5.78 14.82
N LYS A 131 -6.44 -6.18 14.58
CA LYS A 131 -7.18 -6.91 15.60
C LYS A 131 -6.43 -8.16 16.04
N ASN A 132 -5.92 -8.93 15.08
CA ASN A 132 -5.28 -10.21 15.42
C ASN A 132 -3.95 -10.00 16.17
N LEU A 133 -3.20 -8.95 15.82
CA LEU A 133 -2.01 -8.60 16.58
C LEU A 133 -2.34 -8.22 18.02
N GLY A 134 -3.42 -7.47 18.21
CA GLY A 134 -3.91 -7.19 19.57
C GLY A 134 -4.14 -8.45 20.36
N ALA A 135 -4.85 -9.41 19.77
CA ALA A 135 -5.09 -10.68 20.46
C ALA A 135 -3.80 -11.45 20.69
N LYS A 136 -2.91 -11.47 19.70
CA LYS A 136 -1.70 -12.29 19.82
C LYS A 136 -0.78 -11.75 20.90
N PHE A 137 -0.70 -10.42 21.06
CA PHE A 137 0.30 -9.83 21.94
C PHE A 137 -0.30 -9.06 23.11
N ASP A 138 -1.53 -9.38 23.51
N ASP A 138 -1.55 -9.37 23.48
CA ASP A 138 -2.17 -8.77 24.68
CA ASP A 138 -2.16 -8.78 24.67
C ASP A 138 -2.25 -7.25 24.56
C ASP A 138 -2.25 -7.26 24.55
N ARG A 139 -2.75 -6.79 23.40
CA ARG A 139 -2.96 -5.36 23.17
C ARG A 139 -4.34 -5.15 22.58
N ILE A 140 -5.34 -5.86 23.09
CA ILE A 140 -6.66 -5.83 22.46
C ILE A 140 -7.25 -4.43 22.56
N GLU A 141 -7.12 -3.78 23.72
CA GLU A 141 -7.64 -2.42 23.87
C GLU A 141 -6.95 -1.45 22.91
N GLU A 142 -5.63 -1.53 22.78
CA GLU A 142 -4.92 -0.61 21.88
C GLU A 142 -5.32 -0.85 20.42
N ALA A 143 -5.47 -2.12 20.03
CA ALA A 143 -5.86 -2.43 18.64
C ALA A 143 -7.26 -1.94 18.33
N THR A 144 -8.17 -2.13 19.29
CA THR A 144 -9.56 -1.69 19.16
C THR A 144 -9.64 -0.18 18.98
N LYS A 145 -8.91 0.58 19.82
CA LYS A 145 -8.82 2.02 19.67
C LYS A 145 -8.26 2.42 18.29
N LEU A 146 -7.18 1.78 17.87
CA LEU A 146 -6.60 2.15 16.58
C LEU A 146 -7.59 1.89 15.45
N ASN A 147 -8.26 0.74 15.48
CA ASN A 147 -9.22 0.42 14.44
C ASN A 147 -10.42 1.36 14.47
N LYS A 148 -10.87 1.76 15.67
CA LYS A 148 -11.96 2.73 15.79
C LYS A 148 -11.60 4.03 15.06
N ASP A 149 -10.39 4.51 15.27
CA ASP A 149 -9.92 5.75 14.64
C ASP A 149 -9.90 5.61 13.12
N LEU A 150 -9.27 4.54 12.63
CA LEU A 150 -9.24 4.28 11.20
C LEU A 150 -10.64 4.24 10.61
N THR A 151 -11.52 3.44 11.22
CA THR A 151 -12.87 3.29 10.69
C THR A 151 -13.61 4.62 10.67
N SER A 152 -13.41 5.45 11.70
CA SER A 152 -14.04 6.77 11.69
C SER A 152 -13.58 7.58 10.48
N ASP A 153 -12.30 7.56 10.18
CA ASP A 153 -11.78 8.30 9.02
C ASP A 153 -12.32 7.74 7.70
N ILE A 154 -12.34 6.43 7.57
CA ILE A 154 -12.83 5.80 6.35
C ILE A 154 -14.30 6.09 6.15
N ASP A 155 -15.07 6.00 7.23
CA ASP A 155 -16.50 6.22 7.16
C ASP A 155 -16.79 7.64 6.69
N GLN A 156 -15.97 8.59 7.12
CA GLN A 156 -16.19 9.98 6.75
C GLN A 156 -16.02 10.19 5.24
N VAL A 157 -14.97 9.59 4.66
CA VAL A 157 -14.79 9.68 3.21
C VAL A 157 -15.95 9.02 2.49
N LYS A 158 -16.33 7.82 2.94
CA LYS A 158 -17.46 7.13 2.32
C LYS A 158 -18.71 8.00 2.33
N SER A 159 -19.01 8.61 3.48
CA SER A 159 -20.17 9.46 3.60
C SER A 159 -20.07 10.67 2.65
N ASN A 160 -18.89 11.27 2.58
CA ASN A 160 -18.65 12.43 1.74
C ASN A 160 -18.92 12.16 0.27
N VAL A 161 -18.52 11.01 -0.23
CA VAL A 161 -18.70 10.69 -1.65
C VAL A 161 -19.93 9.92 -2.05
N ALA A 162 -20.73 9.51 -1.08
CA ALA A 162 -21.85 8.65 -1.37
C ALA A 162 -22.83 9.15 -2.41
N LYS A 163 -23.13 10.42 -2.41
CA LYS A 163 -24.10 10.94 -3.38
C LYS A 163 -23.45 11.62 -4.57
N LYS A 164 -22.13 11.59 -4.70
CA LYS A 164 -21.47 12.19 -5.84
C LYS A 164 -21.56 11.29 -7.06
N LYS A 165 -21.56 11.90 -8.24
CA LYS A 165 -21.41 11.13 -9.47
C LYS A 165 -19.98 10.60 -9.53
N LYS A 166 -19.84 9.32 -9.92
CA LYS A 166 -18.57 8.64 -9.75
C LYS A 166 -17.79 8.60 -11.06
N PRO A 167 -16.51 8.92 -11.04
CA PRO A 167 -15.72 8.82 -12.25
C PRO A 167 -15.19 7.40 -12.47
N THR A 168 -14.91 7.02 -13.71
CA THR A 168 -14.30 5.73 -13.99
C THR A 168 -12.78 6.00 -13.87
N VAL A 169 -12.04 5.05 -13.35
CA VAL A 169 -10.62 5.21 -13.13
C VAL A 169 -9.73 4.07 -13.63
N LEU A 170 -8.60 4.43 -14.21
CA LEU A 170 -7.61 3.45 -14.64
C LEU A 170 -6.40 3.67 -13.73
N ILE A 171 -5.95 2.61 -13.08
CA ILE A 171 -4.81 2.69 -12.17
C ILE A 171 -3.61 1.95 -12.77
N LEU A 172 -2.49 2.64 -12.91
CA LEU A 172 -1.29 2.04 -13.50
C LEU A 172 -0.18 2.04 -12.45
N MET A 173 0.59 0.96 -12.39
CA MET A 173 1.75 0.86 -11.51
C MET A 173 2.95 0.49 -12.37
N GLY A 174 4.04 1.25 -12.27
CA GLY A 174 5.25 0.83 -12.97
C GLY A 174 5.96 1.96 -13.67
N VAL A 175 6.64 1.66 -14.78
CA VAL A 175 7.45 2.61 -15.53
C VAL A 175 7.11 2.47 -17.01
N PRO A 176 7.49 3.46 -17.83
CA PRO A 176 7.11 3.44 -19.24
C PRO A 176 7.43 2.10 -19.89
N GLY A 177 6.50 1.61 -20.71
CA GLY A 177 6.68 0.33 -21.38
C GLY A 177 6.27 -0.88 -20.57
N SER A 178 6.13 -0.77 -19.25
N SER A 178 6.20 -0.77 -19.26
CA SER A 178 5.82 -1.96 -18.46
CA SER A 178 5.82 -1.90 -18.41
C SER A 178 4.74 -1.71 -17.40
C SER A 178 4.96 -1.39 -17.26
N TYR A 179 3.86 -0.72 -17.62
CA TYR A 179 2.81 -0.42 -16.64
C TYR A 179 1.93 -1.63 -16.42
N LEU A 180 1.66 -1.94 -15.15
CA LEU A 180 0.62 -2.89 -14.76
C LEU A 180 -0.69 -2.18 -14.49
N VAL A 181 -1.81 -2.85 -14.81
CA VAL A 181 -3.13 -2.37 -14.40
C VAL A 181 -3.42 -2.85 -12.98
N VAL A 182 -3.84 -1.95 -12.11
CA VAL A 182 -4.08 -2.27 -10.69
C VAL A 182 -5.57 -2.48 -10.52
N THR A 183 -5.97 -3.64 -9.98
CA THR A 183 -7.38 -3.92 -9.76
C THR A 183 -7.82 -3.54 -8.34
N GLU A 184 -9.13 -3.72 -8.08
CA GLU A 184 -9.67 -3.52 -6.73
C GLU A 184 -9.01 -4.42 -5.71
N HIS A 185 -8.34 -5.50 -6.13
CA HIS A 185 -7.78 -6.44 -5.15
C HIS A 185 -6.45 -6.00 -4.58
N ALA A 186 -5.86 -4.93 -5.09
CA ALA A 186 -4.64 -4.36 -4.53
C ALA A 186 -4.98 -3.11 -3.73
N TYR A 187 -4.03 -2.67 -2.88
CA TYR A 187 -4.33 -1.60 -1.94
C TYR A 187 -4.71 -0.29 -2.63
N ILE A 188 -3.96 0.11 -3.66
CA ILE A 188 -4.33 1.35 -4.33
C ILE A 188 -5.70 1.20 -5.00
N GLY A 189 -6.01 0.01 -5.52
CA GLY A 189 -7.39 -0.23 -5.99
C GLY A 189 -8.43 -0.10 -4.89
N ASP A 190 -8.09 -0.57 -3.68
CA ASP A 190 -9.00 -0.41 -2.55
C ASP A 190 -9.24 1.07 -2.23
N LEU A 191 -8.19 1.90 -2.29
CA LEU A 191 -8.38 3.34 -2.02
C LEU A 191 -9.33 3.97 -3.04
N VAL A 192 -9.13 3.65 -4.33
CA VAL A 192 -10.00 4.17 -5.36
C VAL A 192 -11.45 3.75 -5.09
N LYS A 193 -11.65 2.47 -4.76
N LYS A 193 -11.65 2.48 -4.75
CA LYS A 193 -12.99 1.97 -4.49
CA LYS A 193 -13.02 2.02 -4.51
C LYS A 193 -13.63 2.71 -3.32
C LYS A 193 -13.64 2.73 -3.32
N LEU A 194 -12.89 2.84 -2.23
CA LEU A 194 -13.46 3.46 -1.03
C LEU A 194 -13.80 4.92 -1.27
N ALA A 195 -13.00 5.62 -2.09
CA ALA A 195 -13.29 7.01 -2.44
C ALA A 195 -14.34 7.15 -3.54
N GLY A 196 -14.94 6.05 -3.96
CA GLY A 196 -16.08 6.13 -4.87
C GLY A 196 -15.73 5.94 -6.33
N GLY A 197 -14.45 5.82 -6.67
CA GLY A 197 -14.06 5.61 -8.06
C GLY A 197 -14.52 4.25 -8.56
N GLU A 198 -14.87 4.17 -9.85
CA GLU A 198 -15.23 2.92 -10.51
C GLU A 198 -14.07 2.45 -11.41
N ASN A 199 -13.39 1.37 -10.99
CA ASN A 199 -12.24 0.87 -11.74
C ASN A 199 -12.72 0.45 -13.12
N VAL A 200 -11.98 0.81 -14.16
CA VAL A 200 -12.38 0.33 -15.48
C VAL A 200 -12.21 -1.17 -15.61
N ILE A 201 -11.42 -1.80 -14.75
CA ILE A 201 -11.22 -3.25 -14.75
C ILE A 201 -12.16 -3.86 -13.76
N LYS A 202 -12.94 -4.85 -14.18
CA LYS A 202 -13.91 -5.46 -13.30
C LYS A 202 -13.82 -6.97 -13.40
N ASP A 203 -14.34 -7.62 -12.37
CA ASP A 203 -14.46 -9.05 -12.38
C ASP A 203 -13.15 -9.76 -12.74
N GLN A 204 -12.09 -9.32 -12.08
CA GLN A 204 -10.77 -9.88 -12.21
C GLN A 204 -10.52 -10.65 -10.94
N LYS A 205 -9.50 -11.48 -10.96
CA LYS A 205 -9.17 -12.25 -9.78
C LYS A 205 -7.75 -11.97 -9.27
N VAL A 206 -7.00 -11.15 -9.97
CA VAL A 206 -5.64 -10.86 -9.60
C VAL A 206 -5.47 -9.41 -9.18
N GLU A 207 -4.40 -9.15 -8.46
CA GLU A 207 -4.07 -7.79 -8.02
C GLU A 207 -3.53 -6.91 -9.16
N TYR A 208 -2.68 -7.48 -10.04
CA TYR A 208 -2.03 -6.72 -11.11
C TYR A 208 -2.17 -7.47 -12.43
N LEU A 209 -2.55 -6.75 -13.47
N LEU A 209 -2.45 -6.73 -13.49
CA LEU A 209 -2.74 -7.30 -14.80
CA LEU A 209 -2.77 -7.30 -14.78
C LEU A 209 -1.75 -6.66 -15.78
C LEU A 209 -1.93 -6.63 -15.86
N ALA A 210 -1.39 -7.41 -16.80
CA ALA A 210 -0.69 -6.82 -17.93
C ALA A 210 -1.65 -5.86 -18.64
N SER A 211 -1.12 -4.75 -19.15
CA SER A 211 -2.01 -3.73 -19.73
C SER A 211 -2.41 -4.14 -21.14
N ASN A 212 -3.71 -4.15 -21.42
N ASN A 212 -3.70 -4.08 -21.42
CA ASN A 212 -4.23 -4.28 -22.79
CA ASN A 212 -4.24 -4.28 -22.76
C ASN A 212 -4.68 -2.87 -23.18
C ASN A 212 -4.70 -2.90 -23.24
N THR A 213 -3.78 -2.12 -23.83
CA THR A 213 -4.01 -0.67 -23.93
C THR A 213 -5.12 -0.31 -24.91
N GLU A 214 -5.28 -1.07 -26.00
CA GLU A 214 -6.37 -0.78 -26.93
C GLU A 214 -7.72 -0.97 -26.27
N TYR A 215 -7.84 -2.04 -25.46
CA TYR A 215 -9.06 -2.23 -24.68
C TYR A 215 -9.27 -1.06 -23.72
N LEU A 216 -8.20 -0.66 -23.03
CA LEU A 216 -8.31 0.42 -22.04
C LEU A 216 -8.68 1.73 -22.70
N GLN A 217 -8.13 2.00 -23.87
CA GLN A 217 -8.49 3.23 -24.59
C GLN A 217 -9.97 3.24 -24.93
N SER A 218 -10.50 2.11 -25.38
CA SER A 218 -11.92 2.04 -25.68
C SER A 218 -12.76 2.18 -24.41
N ALA A 219 -12.28 1.65 -23.29
CA ALA A 219 -13.02 1.83 -22.05
C ALA A 219 -13.06 3.31 -21.65
N ASN A 220 -12.01 4.05 -21.99
CA ASN A 220 -11.95 5.50 -21.88
C ASN A 220 -12.12 5.93 -20.42
N PRO A 221 -11.18 5.66 -19.52
CA PRO A 221 -11.35 6.11 -18.14
C PRO A 221 -11.44 7.63 -18.06
N ASP A 222 -12.29 8.11 -17.14
CA ASP A 222 -12.32 9.55 -16.87
C ASP A 222 -10.98 10.04 -16.36
N ILE A 223 -10.35 9.25 -15.50
CA ILE A 223 -9.14 9.63 -14.78
C ILE A 223 -8.11 8.51 -14.90
N ILE A 224 -6.83 8.87 -15.04
CA ILE A 224 -5.75 7.88 -14.94
C ILE A 224 -4.88 8.25 -13.74
N LEU A 225 -4.62 7.27 -12.87
CA LEU A 225 -3.72 7.39 -11.73
C LEU A 225 -2.50 6.53 -11.99
N ARG A 226 -1.31 7.05 -11.62
CA ARG A 226 -0.06 6.31 -11.82
C ARG A 226 0.72 6.24 -10.51
N ALA A 227 1.35 5.10 -10.25
CA ALA A 227 2.19 4.93 -9.07
C ALA A 227 3.52 4.33 -9.51
N ALA A 228 4.63 4.96 -9.12
CA ALA A 228 5.97 4.39 -9.32
C ALA A 228 6.59 4.29 -7.94
N HIS A 229 6.22 3.22 -7.20
CA HIS A 229 6.59 3.13 -5.80
C HIS A 229 8.11 3.15 -5.62
N GLY A 230 8.60 4.02 -4.73
CA GLY A 230 10.02 4.16 -4.46
C GLY A 230 10.78 5.04 -5.42
N MET A 231 10.18 5.51 -6.47
CA MET A 231 10.95 6.20 -7.50
C MET A 231 11.02 7.70 -7.20
N PRO A 232 12.19 8.35 -7.37
CA PRO A 232 12.26 9.80 -7.11
C PRO A 232 11.27 10.56 -7.99
N ALA A 233 10.71 11.62 -7.39
CA ALA A 233 9.68 12.41 -8.07
C ALA A 233 10.22 13.01 -9.35
N GLU A 234 11.49 13.39 -9.35
CA GLU A 234 12.10 13.97 -10.55
C GLU A 234 12.07 12.97 -11.70
N VAL A 235 12.26 11.67 -11.39
CA VAL A 235 12.15 10.65 -12.44
C VAL A 235 10.70 10.52 -12.89
N VAL A 236 9.76 10.55 -11.96
CA VAL A 236 8.36 10.41 -12.29
C VAL A 236 7.90 11.54 -13.23
N LYS A 237 8.42 12.73 -13.03
CA LYS A 237 8.08 13.85 -13.90
C LYS A 237 8.51 13.56 -15.32
N MET A 238 9.69 12.99 -15.47
CA MET A 238 10.22 12.63 -16.77
C MET A 238 9.29 11.61 -17.42
N PHE A 239 8.80 10.66 -16.62
CA PHE A 239 7.90 9.66 -17.13
C PHE A 239 6.61 10.34 -17.62
N ASP A 240 6.17 11.35 -16.87
CA ASP A 240 4.94 12.10 -17.22
C ASP A 240 5.09 12.71 -18.61
N GLU A 241 6.25 13.34 -18.89
CA GLU A 241 6.46 13.87 -20.23
C GLU A 241 6.43 12.76 -21.28
N GLU A 242 6.97 11.58 -20.96
CA GLU A 242 7.00 10.52 -21.96
C GLU A 242 5.59 10.01 -22.27
N PHE A 243 4.76 9.87 -21.24
CA PHE A 243 3.39 9.37 -21.39
C PHE A 243 2.61 10.19 -22.41
N LYS A 244 2.73 11.53 -22.34
CA LYS A 244 2.01 12.46 -23.22
C LYS A 244 2.43 12.35 -24.69
N THR A 245 3.63 11.86 -24.99
CA THR A 245 4.09 11.73 -26.39
C THR A 245 3.86 10.36 -26.97
N ASN A 246 3.42 9.41 -26.17
CA ASN A 246 3.39 8.00 -26.54
C ASN A 246 2.08 7.68 -27.25
N ASP A 247 2.16 7.24 -28.51
CA ASP A 247 0.94 6.84 -29.22
C ASP A 247 0.09 5.89 -28.40
N ILE A 248 0.74 5.09 -27.58
CA ILE A 248 0.04 4.11 -26.79
C ILE A 248 -0.98 4.72 -25.85
N TRP A 249 -0.70 5.87 -25.25
CA TRP A 249 -1.60 6.50 -24.29
C TRP A 249 -2.19 7.88 -24.63
N LYS A 250 -1.52 8.59 -25.51
CA LYS A 250 -1.87 9.96 -25.84
C LYS A 250 -3.24 10.22 -26.42
N HIS A 251 -3.85 9.22 -27.01
CA HIS A 251 -5.20 9.44 -27.53
C HIS A 251 -6.29 9.08 -26.52
N PHE A 252 -5.93 8.68 -25.30
CA PHE A 252 -6.94 8.59 -24.23
C PHE A 252 -7.52 9.97 -23.92
N ASP A 253 -8.84 10.03 -23.74
CA ASP A 253 -9.47 11.30 -23.33
C ASP A 253 -8.88 11.85 -22.03
N ALA A 254 -8.57 10.97 -21.07
CA ALA A 254 -7.98 11.42 -19.81
C ALA A 254 -6.70 12.21 -20.05
N VAL A 255 -5.87 11.75 -20.99
CA VAL A 255 -4.67 12.53 -21.32
C VAL A 255 -5.06 13.85 -21.97
N LYS A 256 -5.96 13.82 -22.96
CA LYS A 256 -6.35 15.06 -23.61
C LYS A 256 -6.94 16.07 -22.62
N ASN A 257 -7.63 15.59 -21.59
CA ASN A 257 -8.33 16.46 -20.64
C ASN A 257 -7.48 16.81 -19.41
N ASN A 258 -6.21 16.38 -19.36
CA ASN A 258 -5.32 16.67 -18.24
C ASN A 258 -5.87 16.06 -16.94
N ARG A 259 -6.37 14.83 -17.03
N ARG A 259 -6.38 14.84 -17.01
CA ARG A 259 -6.89 14.09 -15.89
CA ARG A 259 -6.83 14.15 -15.80
C ARG A 259 -6.00 12.87 -15.58
C ARG A 259 -6.00 12.90 -15.58
N VAL A 260 -4.69 13.07 -15.62
CA VAL A 260 -3.72 12.03 -15.29
C VAL A 260 -2.94 12.52 -14.09
N TYR A 261 -2.91 11.71 -13.02
CA TYR A 261 -2.25 12.11 -11.78
C TYR A 261 -1.17 11.10 -11.43
N ASP A 262 -0.05 11.60 -10.93
CA ASP A 262 0.96 10.75 -10.32
C ASP A 262 0.72 10.70 -8.82
N LEU A 263 0.57 9.51 -8.28
CA LEU A 263 0.27 9.37 -6.87
C LEU A 263 1.55 9.58 -6.08
N ASP A 264 1.51 10.48 -5.10
CA ASP A 264 2.71 10.76 -4.31
C ASP A 264 3.25 9.45 -3.74
N GLU A 265 4.39 9.01 -4.21
CA GLU A 265 4.97 7.74 -3.82
C GLU A 265 5.17 7.66 -2.32
N ASN A 266 5.52 8.77 -1.70
N ASN A 266 5.52 8.78 -1.71
CA ASN A 266 5.78 8.78 -0.27
CA ASN A 266 5.77 8.84 -0.28
C ASN A 266 4.53 8.56 0.56
C ASN A 266 4.53 8.53 0.54
N LEU A 267 3.35 8.79 -0.01
CA LEU A 267 2.09 8.59 0.69
C LEU A 267 1.30 7.37 0.22
N PHE A 268 1.37 7.01 -1.07
CA PHE A 268 0.65 5.88 -1.66
C PHE A 268 1.64 4.73 -1.89
N GLY A 269 1.77 3.84 -0.92
CA GLY A 269 2.62 2.69 -1.12
C GLY A 269 1.86 1.55 -1.83
N MET A 270 2.61 0.48 -2.16
CA MET A 270 2.01 -0.66 -2.85
C MET A 270 1.03 -1.40 -1.94
N THR A 271 1.27 -1.41 -0.63
CA THR A 271 0.39 -2.08 0.31
C THR A 271 0.03 -1.10 1.44
N ALA A 272 -0.96 -1.52 2.26
CA ALA A 272 -1.63 -0.63 3.20
C ALA A 272 -0.70 -0.24 4.34
N SER A 273 -1.01 0.87 4.97
CA SER A 273 -0.34 1.39 6.15
C SER A 273 -1.24 2.36 6.91
N LEU A 274 -0.74 2.88 8.01
CA LEU A 274 -1.47 3.84 8.83
C LEU A 274 -1.63 5.19 8.08
N ASN A 275 -0.93 5.32 6.96
CA ASN A 275 -1.04 6.48 6.08
C ASN A 275 -2.38 6.49 5.35
N ALA A 276 -3.12 5.39 5.46
CA ALA A 276 -4.35 5.25 4.67
C ALA A 276 -5.37 6.36 4.80
N PRO A 277 -5.62 6.86 6.07
CA PRO A 277 -6.61 7.95 6.10
C PRO A 277 -6.12 9.15 5.29
N GLU A 278 -4.86 9.53 5.40
CA GLU A 278 -4.37 10.65 4.63
C GLU A 278 -4.47 10.34 3.12
N ALA A 279 -4.07 9.14 2.75
CA ALA A 279 -4.11 8.71 1.34
C ALA A 279 -5.53 8.75 0.80
N LEU A 280 -6.50 8.27 1.59
N LEU A 280 -6.49 8.24 1.58
CA LEU A 280 -7.88 8.27 1.14
CA LEU A 280 -7.89 8.29 1.14
C LEU A 280 -8.40 9.70 0.93
C LEU A 280 -8.33 9.72 0.88
N LYS A 281 -7.98 10.63 1.79
CA LYS A 281 -8.43 12.02 1.63
C LYS A 281 -7.81 12.66 0.40
N GLU A 282 -6.54 12.36 0.13
CA GLU A 282 -5.92 12.85 -1.10
C GLU A 282 -6.58 12.22 -2.32
N MET A 283 -6.98 10.94 -2.22
CA MET A 283 -7.68 10.30 -3.33
C MET A 283 -8.99 10.99 -3.63
N GLU A 284 -9.73 11.37 -2.58
CA GLU A 284 -10.99 12.05 -2.77
C GLU A 284 -10.79 13.38 -3.49
N LYS A 285 -9.70 14.09 -3.20
CA LYS A 285 -9.42 15.36 -3.88
C LYS A 285 -9.17 15.15 -5.36
N MET A 286 -8.40 14.12 -5.71
CA MET A 286 -8.09 13.86 -7.11
C MET A 286 -9.32 13.41 -7.90
N LEU A 287 -10.18 12.58 -7.29
CA LEU A 287 -11.30 12.02 -8.03
C LEU A 287 -12.39 13.06 -8.28
N TYR A 288 -12.55 14.04 -7.39
CA TYR A 288 -13.67 14.98 -7.50
C TYR A 288 -13.27 16.45 -7.61
N ASP A 289 -12.10 16.84 -7.13
CA ASP A 289 -11.70 18.25 -7.16
C ASP A 289 -11.27 18.69 -8.55
N ASN A 290 -10.62 17.80 -9.31
CA ASN A 290 -10.18 18.14 -10.65
C ASN A 290 -9.14 19.26 -10.63
#